data_6Y0V
#
_entry.id   6Y0V
#
_cell.length_a   45.140
_cell.length_b   104.880
_cell.length_c   52.996
_cell.angle_alpha   90.000
_cell.angle_beta   93.380
_cell.angle_gamma   90.000
#
_symmetry.space_group_name_H-M   'P 1 21 1'
#
loop_
_entity.id
_entity.type
_entity.pdbx_description
1 polymer 'Fucose-binding lectin'
2 polymer bp71
3 non-polymer 'CALCIUM ION'
4 non-polymer '3,7-anhydro-2,8-dideoxy-L-glycero-D-gluco-octonic acid'
5 water water
#
loop_
_entity_poly.entity_id
_entity_poly.type
_entity_poly.pdbx_seq_one_letter_code
_entity_poly.pdbx_strand_id
1 'polypeptide(L)'
;ATQGVFTLPANTRFGVTAFANSSGTQTVNVLVNNETAATFSGQSTNNAVIGTQVLNSGSSGKVQVQVSVNGRPSDLVSAQ
VILTNELNFALVGSEDGTDNDYNDAVVVINWPLG
;
A,B,C,D
2 'polypeptide(L)' (O65)(DLY)(DLY)LL(DLY)CL(DLY)CLLK(NH2) E,G,H
#
# COMPACT_ATOMS: atom_id res chain seq x y z
N ALA A 1 -14.98 1.39 10.46
CA ALA A 1 -15.26 1.85 9.10
C ALA A 1 -15.61 0.72 8.16
N THR A 2 -16.27 1.09 7.06
CA THR A 2 -16.63 0.14 6.04
C THR A 2 -15.40 -0.42 5.35
N GLN A 3 -15.42 -1.72 5.08
CA GLN A 3 -14.30 -2.43 4.47
C GLN A 3 -14.82 -3.31 3.34
N GLY A 4 -14.01 -3.49 2.30
CA GLY A 4 -14.38 -4.34 1.19
C GLY A 4 -15.19 -3.66 0.10
N VAL A 5 -15.32 -2.34 0.15
CA VAL A 5 -16.03 -1.57 -0.86
C VAL A 5 -15.01 -0.70 -1.58
N PHE A 6 -14.98 -0.83 -2.91
CA PHE A 6 -14.04 -0.09 -3.74
C PHE A 6 -14.81 0.60 -4.86
N THR A 7 -14.47 1.86 -5.13
CA THR A 7 -14.98 2.58 -6.28
C THR A 7 -13.97 2.45 -7.41
N LEU A 8 -14.33 1.67 -8.40
CA LEU A 8 -13.49 1.52 -9.58
C LEU A 8 -13.88 2.57 -10.60
N PRO A 9 -13.04 2.84 -11.58
CA PRO A 9 -13.52 3.59 -12.75
C PRO A 9 -14.70 2.84 -13.35
N ALA A 10 -15.70 3.58 -13.82
CA ALA A 10 -16.91 2.94 -14.32
C ALA A 10 -16.64 2.09 -15.56
N ASN A 11 -17.48 1.07 -15.75
CA ASN A 11 -17.54 0.28 -16.98
C ASN A 11 -16.18 -0.34 -17.34
N THR A 12 -15.39 -0.69 -16.33
CA THR A 12 -14.02 -1.13 -16.53
C THR A 12 -13.93 -2.60 -16.14
N ARG A 13 -13.29 -3.40 -16.99
CA ARG A 13 -13.06 -4.80 -16.66
C ARG A 13 -11.95 -4.91 -15.62
N PHE A 14 -12.15 -5.82 -14.65
CA PHE A 14 -11.21 -6.02 -13.55
C PHE A 14 -11.20 -7.49 -13.18
N GLY A 15 -10.10 -7.94 -12.61
CA GLY A 15 -10.00 -9.30 -12.15
C GLY A 15 -10.35 -9.41 -10.69
N VAL A 16 -10.93 -10.54 -10.30
CA VAL A 16 -11.16 -10.84 -8.89
C VAL A 16 -10.75 -12.29 -8.65
N THR A 17 -9.89 -12.50 -7.66
CA THR A 17 -9.34 -13.81 -7.36
C THR A 17 -9.37 -14.02 -5.85
N ALA A 18 -9.74 -15.23 -5.43
CA ALA A 18 -9.94 -15.52 -4.03
C ALA A 18 -9.08 -16.73 -3.63
N PHE A 19 -8.43 -16.62 -2.47
CA PHE A 19 -7.61 -17.68 -1.90
C PHE A 19 -8.17 -18.07 -0.54
N ALA A 20 -8.03 -19.35 -0.18
CA ALA A 20 -8.59 -19.86 1.07
C ALA A 20 -7.50 -20.36 2.00
N ASN A 21 -7.60 -20.00 3.28
CA ASN A 21 -6.67 -20.46 4.33
C ASN A 21 -7.48 -20.71 5.60
N SER A 22 -8.27 -21.78 5.61
CA SER A 22 -9.16 -22.06 6.73
C SER A 22 -9.70 -23.48 6.64
N SER A 23 -10.05 -24.02 7.81
CA SER A 23 -10.77 -25.28 7.86
C SER A 23 -12.19 -25.13 7.33
N GLY A 24 -12.75 -23.92 7.42
CA GLY A 24 -14.10 -23.71 6.92
C GLY A 24 -14.15 -23.42 5.44
N THR A 25 -15.23 -23.88 4.82
CA THR A 25 -15.50 -23.57 3.42
C THR A 25 -15.83 -22.09 3.29
N GLN A 26 -15.08 -21.37 2.45
CA GLN A 26 -15.27 -19.94 2.28
C GLN A 26 -16.22 -19.67 1.11
N THR A 27 -17.08 -18.68 1.28
CA THR A 27 -17.96 -18.20 0.22
C THR A 27 -17.67 -16.72 0.01
N VAL A 28 -17.18 -16.38 -1.18
CA VAL A 28 -16.87 -15.01 -1.56
C VAL A 28 -17.95 -14.54 -2.54
N ASN A 29 -18.65 -13.48 -2.18
CA ASN A 29 -19.59 -12.80 -3.08
C ASN A 29 -18.98 -11.50 -3.54
N VAL A 30 -19.00 -11.27 -4.85
CA VAL A 30 -18.56 -10.00 -5.43
C VAL A 30 -19.78 -9.28 -5.96
N LEU A 31 -20.03 -8.08 -5.45
CA LEU A 31 -21.20 -7.31 -5.83
C LEU A 31 -20.78 -6.17 -6.73
N VAL A 32 -21.58 -5.91 -7.77
CA VAL A 32 -21.39 -4.80 -8.68
C VAL A 32 -22.71 -4.07 -8.78
N ASN A 33 -22.69 -2.75 -8.58
CA ASN A 33 -23.90 -1.93 -8.45
C ASN A 33 -24.93 -2.61 -7.56
N ASN A 34 -24.47 -3.09 -6.41
CA ASN A 34 -25.28 -3.66 -5.34
C ASN A 34 -25.96 -4.97 -5.72
N GLU A 35 -25.55 -5.64 -6.80
CA GLU A 35 -26.07 -6.94 -7.16
C GLU A 35 -24.93 -7.95 -7.21
N THR A 36 -25.23 -9.20 -6.86
CA THR A 36 -24.22 -10.23 -6.86
C THR A 36 -23.75 -10.51 -8.29
N ALA A 37 -22.47 -10.25 -8.56
CA ALA A 37 -21.89 -10.49 -9.88
C ALA A 37 -21.15 -11.82 -9.96
N ALA A 38 -20.50 -12.24 -8.88
CA ALA A 38 -19.78 -13.50 -8.88
C ALA A 38 -19.83 -14.08 -7.47
N THR A 39 -19.72 -15.40 -7.40
CA THR A 39 -19.68 -16.11 -6.14
C THR A 39 -18.67 -17.23 -6.24
N PHE A 40 -17.62 -17.18 -5.42
CA PHE A 40 -16.69 -18.29 -5.30
C PHE A 40 -16.95 -19.03 -4.00
N SER A 41 -16.62 -20.32 -4.01
CA SER A 41 -16.83 -21.13 -2.81
C SER A 41 -15.87 -22.31 -2.86
N GLY A 42 -14.99 -22.39 -1.87
CA GLY A 42 -14.03 -23.49 -1.79
C GLY A 42 -13.38 -23.55 -0.42
N GLN A 43 -12.61 -24.61 -0.21
CA GLN A 43 -11.95 -24.86 1.06
C GLN A 43 -10.50 -25.25 0.84
N SER A 44 -9.62 -24.67 1.65
CA SER A 44 -8.20 -25.01 1.63
C SER A 44 -7.54 -24.38 2.84
N THR A 45 -6.50 -25.03 3.35
CA THR A 45 -5.62 -24.42 4.34
C THR A 45 -4.26 -24.09 3.74
N ASN A 46 -4.15 -24.12 2.42
CA ASN A 46 -2.87 -23.99 1.75
C ASN A 46 -2.96 -23.00 0.60
N ASN A 47 -3.75 -21.93 0.79
CA ASN A 47 -3.82 -20.80 -0.13
C ASN A 47 -4.34 -21.16 -1.54
N ALA A 48 -5.26 -22.11 -1.65
CA ALA A 48 -5.74 -22.50 -2.97
C ALA A 48 -6.64 -21.42 -3.57
N VAL A 49 -6.48 -21.19 -4.87
CA VAL A 49 -7.39 -20.30 -5.59
C VAL A 49 -8.75 -20.99 -5.65
N ILE A 50 -9.72 -20.45 -4.90
CA ILE A 50 -11.08 -21.01 -4.93
C ILE A 50 -11.95 -20.33 -5.97
N GLY A 51 -11.41 -19.36 -6.70
CA GLY A 51 -12.14 -18.72 -7.77
C GLY A 51 -11.39 -17.55 -8.36
N THR A 52 -11.48 -17.40 -9.68
CA THR A 52 -10.97 -16.21 -10.35
C THR A 52 -11.91 -15.91 -11.51
N GLN A 53 -12.11 -14.63 -11.77
CA GLN A 53 -13.12 -14.21 -12.73
C GLN A 53 -12.84 -12.76 -13.13
N VAL A 54 -13.19 -12.43 -14.37
CA VAL A 54 -13.10 -11.06 -14.86
C VAL A 54 -14.51 -10.48 -14.89
N LEU A 55 -14.69 -9.35 -14.23
CA LEU A 55 -16.00 -8.72 -14.13
C LEU A 55 -15.95 -7.30 -14.69
N ASN A 56 -17.11 -6.67 -14.73
CA ASN A 56 -17.25 -5.30 -15.20
C ASN A 56 -17.73 -4.46 -14.03
N SER A 57 -17.06 -3.33 -13.81
CA SER A 57 -17.38 -2.49 -12.65
C SER A 57 -18.72 -1.77 -12.80
N GLY A 58 -19.30 -1.74 -13.99
CA GLY A 58 -20.62 -1.19 -14.18
C GLY A 58 -20.63 0.33 -14.17
N SER A 59 -21.85 0.87 -14.39
CA SER A 59 -21.99 2.33 -14.51
C SER A 59 -21.59 3.04 -13.23
N SER A 60 -21.84 2.45 -12.06
CA SER A 60 -21.44 3.08 -10.82
C SER A 60 -19.96 2.88 -10.50
N GLY A 61 -19.35 1.82 -11.03
CA GLY A 61 -18.00 1.48 -10.65
C GLY A 61 -17.85 0.89 -9.27
N LYS A 62 -18.95 0.75 -8.51
CA LYS A 62 -18.87 0.32 -7.12
C LYS A 62 -18.77 -1.20 -7.05
N VAL A 63 -17.72 -1.69 -6.39
CA VAL A 63 -17.49 -3.13 -6.25
C VAL A 63 -17.37 -3.44 -4.76
N GLN A 64 -18.11 -4.44 -4.31
CA GLN A 64 -18.06 -4.84 -2.91
C GLN A 64 -17.78 -6.33 -2.80
N VAL A 65 -16.89 -6.67 -1.87
CA VAL A 65 -16.56 -8.06 -1.55
C VAL A 65 -17.21 -8.39 -0.22
N GLN A 66 -17.90 -9.52 -0.17
CA GLN A 66 -18.45 -10.05 1.07
C GLN A 66 -18.01 -11.50 1.22
N VAL A 67 -17.66 -11.87 2.45
CA VAL A 67 -17.19 -13.21 2.77
C VAL A 67 -18.05 -13.76 3.90
N SER A 68 -18.35 -15.05 3.82
CA SER A 68 -19.11 -15.72 4.86
C SER A 68 -18.70 -17.19 4.91
N VAL A 69 -18.81 -17.77 6.09
CA VAL A 69 -18.56 -19.19 6.31
C VAL A 69 -19.74 -19.74 7.08
N ASN A 70 -20.43 -20.71 6.49
CA ASN A 70 -21.62 -21.33 7.10
C ASN A 70 -22.63 -20.27 7.54
N GLY A 71 -22.88 -19.32 6.65
CA GLY A 71 -23.82 -18.25 6.92
C GLY A 71 -23.34 -17.15 7.85
N ARG A 72 -22.16 -17.30 8.47
CA ARG A 72 -21.66 -16.30 9.38
C ARG A 72 -20.78 -15.31 8.63
N PRO A 73 -21.07 -14.01 8.66
CA PRO A 73 -20.23 -13.05 7.93
C PRO A 73 -18.84 -12.98 8.55
N SER A 74 -17.83 -12.92 7.69
CA SER A 74 -16.46 -12.76 8.16
C SER A 74 -16.16 -11.29 8.38
N ASP A 75 -15.31 -11.02 9.37
CA ASP A 75 -14.81 -9.67 9.57
C ASP A 75 -13.80 -9.34 8.49
N LEU A 76 -13.95 -8.18 7.85
CA LEU A 76 -13.15 -7.80 6.71
C LEU A 76 -12.14 -6.70 7.07
N VAL A 77 -11.01 -6.74 6.38
CA VAL A 77 -10.07 -5.63 6.30
C VAL A 77 -9.72 -5.45 4.84
N SER A 78 -9.43 -4.22 4.45
CA SER A 78 -9.24 -3.93 3.03
C SER A 78 -8.43 -2.66 2.85
N ALA A 79 -7.87 -2.53 1.65
CA ALA A 79 -7.21 -1.31 1.21
C ALA A 79 -7.03 -1.41 -0.30
N GLN A 80 -6.70 -0.26 -0.91
CA GLN A 80 -6.39 -0.15 -2.32
C GLN A 80 -5.02 0.49 -2.46
N VAL A 81 -4.17 -0.07 -3.31
CA VAL A 81 -2.88 0.52 -3.58
C VAL A 81 -2.70 0.67 -5.08
N ILE A 82 -2.05 1.75 -5.49
CA ILE A 82 -1.84 2.08 -6.89
C ILE A 82 -0.35 2.21 -7.13
N LEU A 83 0.16 1.52 -8.13
CA LEU A 83 1.57 1.54 -8.45
C LEU A 83 1.78 2.27 -9.76
N THR A 84 2.84 3.09 -9.79
CA THR A 84 3.18 3.99 -10.89
C THR A 84 1.94 4.63 -11.52
N ASN A 85 1.02 5.07 -10.66
CA ASN A 85 -0.16 5.87 -11.04
C ASN A 85 -1.01 5.17 -12.10
N GLU A 86 -0.91 3.84 -12.19
CA GLU A 86 -1.58 3.10 -13.25
C GLU A 86 -2.15 1.78 -12.75
N LEU A 87 -1.34 0.97 -12.08
CA LEU A 87 -1.73 -0.39 -11.72
C LEU A 87 -2.39 -0.40 -10.35
N ASN A 88 -3.61 -0.93 -10.30
CA ASN A 88 -4.48 -0.86 -9.13
C ASN A 88 -4.68 -2.24 -8.53
N PHE A 89 -4.57 -2.32 -7.20
CA PHE A 89 -4.94 -3.50 -6.43
C PHE A 89 -5.96 -3.09 -5.39
N ALA A 90 -7.03 -3.86 -5.26
CA ALA A 90 -7.94 -3.76 -4.14
C ALA A 90 -7.86 -5.06 -3.37
N LEU A 91 -7.44 -4.99 -2.11
CA LEU A 91 -7.05 -6.14 -1.32
C LEU A 91 -8.03 -6.32 -0.17
N VAL A 92 -8.47 -7.56 0.04
CA VAL A 92 -9.38 -7.90 1.12
C VAL A 92 -8.80 -9.06 1.92
N GLY A 93 -8.84 -8.95 3.24
CA GLY A 93 -8.61 -10.09 4.12
C GLY A 93 -9.82 -10.36 4.99
N SER A 94 -9.95 -11.56 5.53
CA SER A 94 -11.16 -11.90 6.26
C SER A 94 -10.84 -12.92 7.35
N GLU A 95 -11.50 -12.78 8.49
CA GLU A 95 -11.32 -13.65 9.64
C GLU A 95 -12.66 -14.28 9.98
N ASP A 96 -12.71 -15.61 9.90
CA ASP A 96 -13.92 -16.38 10.18
C ASP A 96 -13.93 -16.95 11.60
N GLY A 97 -12.93 -16.63 12.41
CA GLY A 97 -12.74 -17.30 13.70
C GLY A 97 -12.13 -16.37 14.73
N THR A 98 -11.22 -16.92 15.53
CA THR A 98 -10.69 -16.21 16.69
C THR A 98 -9.17 -16.04 16.69
N ASP A 99 -8.45 -16.69 15.78
CA ASP A 99 -6.99 -16.57 15.78
C ASP A 99 -6.51 -15.29 15.09
N ASN A 100 -7.38 -14.62 14.33
CA ASN A 100 -7.11 -13.28 13.81
C ASN A 100 -5.94 -13.27 12.84
N ASP A 101 -5.80 -14.34 12.05
CA ASP A 101 -4.81 -14.27 11.00
C ASP A 101 -5.34 -13.57 9.75
N TYR A 102 -6.66 -13.38 9.64
CA TYR A 102 -7.29 -12.57 8.59
C TYR A 102 -6.87 -13.02 7.18
N ASN A 103 -6.54 -14.30 7.04
CA ASN A 103 -6.27 -14.88 5.73
C ASN A 103 -7.30 -15.92 5.30
N ASP A 104 -8.40 -16.04 6.05
CA ASP A 104 -9.27 -17.20 5.88
C ASP A 104 -9.88 -17.22 4.50
N ALA A 105 -10.31 -16.06 4.00
CA ALA A 105 -10.45 -15.81 2.58
C ALA A 105 -9.67 -14.54 2.26
N VAL A 106 -8.84 -14.61 1.23
CA VAL A 106 -8.07 -13.46 0.76
C VAL A 106 -8.53 -13.19 -0.66
N VAL A 107 -8.87 -11.94 -0.94
CA VAL A 107 -9.46 -11.56 -2.22
C VAL A 107 -8.59 -10.45 -2.81
N VAL A 108 -8.13 -10.66 -4.04
CA VAL A 108 -7.35 -9.67 -4.78
C VAL A 108 -8.16 -9.23 -5.99
N ILE A 109 -8.34 -7.92 -6.12
CA ILE A 109 -8.95 -7.32 -7.29
C ILE A 109 -7.86 -6.50 -7.96
N ASN A 110 -7.68 -6.70 -9.27
CA ASN A 110 -6.67 -5.93 -9.99
C ASN A 110 -7.24 -5.37 -11.29
N TRP A 111 -6.76 -4.19 -11.65
CA TRP A 111 -7.06 -3.57 -12.93
C TRP A 111 -5.97 -2.54 -13.23
N PRO A 112 -5.81 -2.14 -14.51
CA PRO A 112 -6.54 -2.57 -15.71
C PRO A 112 -6.10 -3.93 -16.21
N LEU A 113 -6.90 -4.53 -17.09
CA LEU A 113 -6.58 -5.79 -17.73
C LEU A 113 -6.23 -5.55 -19.18
N GLY A 114 -5.80 -6.61 -19.85
CA GLY A 114 -5.56 -6.57 -21.29
C GLY A 114 -4.14 -6.18 -21.68
N CYS B 7 -11.34 -25.84 21.73
CA CYS B 7 -10.07 -26.41 21.30
C CYS B 7 -10.24 -27.84 20.81
N LEU B 8 -11.13 -28.59 21.47
CA LEU B 8 -11.48 -29.93 21.03
C LEU B 8 -12.10 -29.87 19.64
N CYS B 10 -11.30 -27.60 17.56
CA CYS B 10 -10.12 -27.37 16.75
C CYS B 10 -9.27 -28.64 16.65
N LEU B 11 -9.22 -29.39 17.75
CA LEU B 11 -8.50 -30.66 17.76
C LEU B 11 -9.05 -31.64 16.74
N LEU B 12 -10.24 -31.40 16.21
CA LEU B 12 -10.81 -32.23 15.15
C LEU B 12 -10.46 -31.72 13.75
N LYS B 13 -9.97 -30.49 13.62
CA LYS B 13 -9.56 -29.95 12.31
C LYS B 13 -8.61 -30.91 11.60
N ALA C 1 -11.87 -5.43 12.84
CA ALA C 1 -10.46 -5.69 13.12
C ALA C 1 -9.76 -4.50 13.77
N THR C 2 -8.73 -4.80 14.56
CA THR C 2 -7.95 -3.77 15.23
C THR C 2 -7.29 -2.85 14.22
N GLN C 3 -7.29 -1.55 14.51
CA GLN C 3 -6.69 -0.54 13.66
C GLN C 3 -5.84 0.39 14.51
N GLY C 4 -4.80 0.99 13.90
CA GLY C 4 -3.94 1.92 14.58
C GLY C 4 -2.82 1.31 15.39
N VAL C 5 -2.61 0.01 15.29
CA VAL C 5 -1.55 -0.70 16.00
C VAL C 5 -0.55 -1.22 14.97
N PHE C 6 0.74 -0.96 15.20
CA PHE C 6 1.80 -1.35 14.28
C PHE C 6 2.96 -1.98 15.03
N THR C 7 3.54 -3.03 14.47
CA THR C 7 4.74 -3.65 15.00
C THR C 7 5.93 -3.10 14.22
N LEU C 8 6.66 -2.20 14.84
CA LEU C 8 7.88 -1.68 14.26
C LEU C 8 9.05 -2.58 14.63
N PRO C 9 10.16 -2.49 13.91
CA PRO C 9 11.39 -3.10 14.42
C PRO C 9 11.71 -2.49 15.77
N ALA C 10 12.16 -3.34 16.68
CA ALA C 10 12.37 -2.94 18.06
C ALA C 10 13.47 -1.89 18.16
N ASN C 11 13.33 -1.02 19.15
CA ASN C 11 14.35 -0.02 19.49
C ASN C 11 14.74 0.83 18.29
N THR C 12 13.76 1.18 17.47
CA THR C 12 14.02 1.97 16.28
C THR C 12 13.37 3.34 16.41
N ARG C 13 14.10 4.36 16.00
CA ARG C 13 13.54 5.71 15.97
C ARG C 13 12.61 5.85 14.77
N PHE C 14 11.47 6.48 15.02
CA PHE C 14 10.48 6.71 13.99
C PHE C 14 9.85 8.08 14.18
N GLY C 15 9.39 8.67 13.09
CA GLY C 15 8.68 9.95 13.13
C GLY C 15 7.20 9.70 13.15
N VAL C 16 6.48 10.50 13.94
CA VAL C 16 5.03 10.45 13.97
C VAL C 16 4.51 11.88 13.87
N THR C 17 3.56 12.10 12.95
CA THR C 17 3.06 13.42 12.58
C THR C 17 1.55 13.32 12.40
N ALA C 18 0.83 14.32 12.92
CA ALA C 18 -0.63 14.33 12.86
C ALA C 18 -1.15 15.59 12.18
N PHE C 19 -2.19 15.43 11.38
CA PHE C 19 -2.88 16.52 10.71
C PHE C 19 -4.33 16.56 11.16
N ALA C 20 -4.91 17.75 11.17
CA ALA C 20 -6.30 17.93 11.56
C ALA C 20 -7.11 18.48 10.38
N ASN C 21 -8.32 17.93 10.21
CA ASN C 21 -9.31 18.35 9.20
C ASN C 21 -10.70 18.17 9.81
N SER C 22 -11.05 19.03 10.76
CA SER C 22 -12.29 18.89 11.50
C SER C 22 -12.51 20.13 12.36
N SER C 23 -13.78 20.48 12.56
CA SER C 23 -14.10 21.53 13.52
C SER C 23 -13.79 21.12 14.95
N GLY C 24 -13.69 19.82 15.23
CA GLY C 24 -13.39 19.37 16.57
C GLY C 24 -11.89 19.37 16.86
N THR C 25 -11.55 19.68 18.10
CA THR C 25 -10.16 19.61 18.54
C THR C 25 -9.72 18.15 18.61
N GLN C 26 -8.69 17.79 17.85
CA GLN C 26 -8.18 16.43 17.84
C GLN C 26 -7.19 16.21 18.95
N THR C 27 -7.30 15.06 19.63
CA THR C 27 -6.29 14.59 20.57
C THR C 27 -5.71 13.30 20.03
N VAL C 28 -4.41 13.30 19.74
CA VAL C 28 -3.72 12.12 19.23
C VAL C 28 -2.75 11.63 20.30
N ASN C 29 -2.95 10.41 20.78
CA ASN C 29 -2.05 9.77 21.73
C ASN C 29 -1.27 8.68 21.03
N VAL C 30 0.03 8.61 21.31
CA VAL C 30 0.90 7.63 20.69
C VAL C 30 1.50 6.79 21.81
N LEU C 31 1.13 5.51 21.84
CA LEU C 31 1.60 4.58 22.86
C LEU C 31 2.75 3.74 22.32
N VAL C 32 3.75 3.53 23.17
CA VAL C 32 4.83 2.59 22.93
C VAL C 32 4.88 1.66 24.12
N ASN C 33 4.83 0.35 23.85
CA ASN C 33 4.76 -0.67 24.91
C ASN C 33 3.58 -0.38 25.85
N ASN C 34 2.46 0.00 25.25
CA ASN C 34 1.21 0.29 25.97
C ASN C 34 1.34 1.47 26.94
N GLU C 35 2.39 2.28 26.83
CA GLU C 35 2.52 3.49 27.63
C GLU C 35 2.53 4.70 26.71
N THR C 36 1.84 5.76 27.12
CA THR C 36 1.76 6.97 26.31
C THR C 36 3.15 7.59 26.15
N ALA C 37 3.57 7.76 24.90
CA ALA C 37 4.86 8.36 24.59
C ALA C 37 4.74 9.77 24.06
N ALA C 38 3.60 10.12 23.48
CA ALA C 38 3.42 11.43 22.88
C ALA C 38 1.94 11.72 22.84
N THR C 39 1.61 13.01 22.99
CA THR C 39 0.22 13.45 22.89
C THR C 39 0.19 14.73 22.09
N PHE C 40 -0.59 14.74 21.00
CA PHE C 40 -0.78 15.90 20.14
C PHE C 40 -2.20 16.43 20.32
N SER C 41 -2.35 17.74 20.22
CA SER C 41 -3.70 18.29 20.20
C SER C 41 -3.73 19.60 19.42
N GLY C 42 -4.81 19.79 18.69
CA GLY C 42 -4.99 21.00 17.92
C GLY C 42 -6.27 20.89 17.15
N GLN C 43 -6.66 22.02 16.56
CA GLN C 43 -7.88 22.10 15.76
C GLN C 43 -7.56 22.80 14.45
N SER C 44 -7.98 22.21 13.34
CA SER C 44 -7.82 22.83 12.04
C SER C 44 -8.79 22.18 11.07
N THR C 45 -9.26 22.98 10.10
CA THR C 45 -9.96 22.43 8.94
C THR C 45 -9.14 22.56 7.67
N ASN C 46 -7.83 22.82 7.79
CA ASN C 46 -7.00 23.05 6.61
C ASN C 46 -5.70 22.24 6.66
N ASN C 47 -5.74 21.06 7.30
CA ASN C 47 -4.64 20.08 7.30
C ASN C 47 -3.43 20.55 8.09
N ALA C 48 -3.61 21.38 9.11
CA ALA C 48 -2.47 21.84 9.90
C ALA C 48 -1.80 20.66 10.62
N VAL C 49 -0.47 20.70 10.68
CA VAL C 49 0.28 19.76 11.51
C VAL C 49 0.05 20.13 12.98
N ILE C 50 -0.70 19.30 13.71
CA ILE C 50 -0.92 19.54 15.12
C ILE C 50 0.10 18.82 15.99
N GLY C 51 1.03 18.08 15.39
CA GLY C 51 2.10 17.47 16.14
C GLY C 51 3.08 16.75 15.24
N THR C 52 4.35 16.80 15.61
CA THR C 52 5.35 15.95 14.97
C THR C 52 6.45 15.71 15.99
N GLN C 53 6.90 14.46 16.07
CA GLN C 53 7.88 14.05 17.07
C GLN C 53 8.65 12.83 16.55
N VAL C 54 9.81 12.60 17.12
CA VAL C 54 10.59 11.39 16.91
C VAL C 54 10.51 10.56 18.18
N LEU C 55 10.06 9.32 18.05
CA LEU C 55 9.98 8.43 19.20
C LEU C 55 10.79 7.16 18.93
N ASN C 56 10.89 6.32 19.95
CA ASN C 56 11.60 5.05 19.86
C ASN C 56 10.59 3.93 20.03
N SER C 57 10.64 2.94 19.14
CA SER C 57 9.66 1.86 19.19
C SER C 57 9.84 0.95 20.40
N GLY C 58 10.95 1.03 21.12
CA GLY C 58 11.09 0.28 22.35
C GLY C 58 11.41 -1.19 22.10
N SER C 59 11.45 -1.94 23.20
CA SER C 59 11.86 -3.34 23.13
C SER C 59 10.81 -4.22 22.44
N SER C 60 9.53 -3.88 22.52
CA SER C 60 8.52 -4.69 21.84
C SER C 60 8.28 -4.26 20.40
N GLY C 61 8.61 -3.03 20.04
CA GLY C 61 8.27 -2.46 18.75
C GLY C 61 6.81 -2.06 18.59
N LYS C 62 5.99 -2.17 19.63
CA LYS C 62 4.54 -2.01 19.49
C LYS C 62 4.18 -0.54 19.64
N VAL C 63 3.64 0.04 18.57
CA VAL C 63 3.22 1.44 18.55
C VAL C 63 1.73 1.49 18.26
N GLN C 64 0.98 2.20 19.09
CA GLN C 64 -0.45 2.36 18.89
C GLN C 64 -0.82 3.83 18.83
N VAL C 65 -1.68 4.17 17.87
CA VAL C 65 -2.26 5.51 17.72
C VAL C 65 -3.69 5.45 18.21
N GLN C 66 -4.05 6.38 19.08
CA GLN C 66 -5.43 6.55 19.52
C GLN C 66 -5.84 7.99 19.28
N VAL C 67 -7.06 8.19 18.79
CA VAL C 67 -7.58 9.52 18.50
C VAL C 67 -8.89 9.70 19.25
N SER C 68 -9.07 10.87 19.87
CA SER C 68 -10.31 11.22 20.51
C SER C 68 -10.60 12.69 20.27
N VAL C 69 -11.86 13.06 20.38
CA VAL C 69 -12.31 14.44 20.21
C VAL C 69 -13.17 14.76 21.43
N ASN C 70 -12.69 15.69 22.26
CA ASN C 70 -13.36 16.02 23.52
C ASN C 70 -13.63 14.76 24.35
N GLY C 71 -12.67 13.84 24.34
CA GLY C 71 -12.79 12.59 25.08
C GLY C 71 -13.52 11.46 24.37
N ARG C 72 -14.20 11.74 23.26
CA ARG C 72 -14.92 10.70 22.52
C ARG C 72 -13.96 10.01 21.54
N PRO C 73 -13.70 8.71 21.71
CA PRO C 73 -12.79 8.02 20.79
C PRO C 73 -13.30 8.06 19.36
N SER C 74 -12.38 8.29 18.42
CA SER C 74 -12.68 8.32 16.99
C SER C 74 -12.51 6.93 16.38
N ASP C 75 -13.27 6.67 15.32
CA ASP C 75 -13.14 5.42 14.57
C ASP C 75 -11.92 5.48 13.67
N LEU C 76 -11.09 4.44 13.70
CA LEU C 76 -9.80 4.45 13.05
C LEU C 76 -9.79 3.55 11.82
N VAL C 77 -8.97 3.94 10.84
CA VAL C 77 -8.61 3.06 9.72
C VAL C 77 -7.10 3.15 9.56
N SER C 78 -6.47 2.04 9.19
CA SER C 78 -5.02 2.08 9.16
C SER C 78 -4.45 1.02 8.24
N ALA C 79 -3.20 1.24 7.82
CA ALA C 79 -2.44 0.25 7.08
C ALA C 79 -0.97 0.66 7.11
N GLN C 80 -0.12 -0.30 6.75
CA GLN C 80 1.31 -0.08 6.62
C GLN C 80 1.74 -0.42 5.20
N VAL C 81 2.59 0.44 4.63
CA VAL C 81 3.03 0.31 3.24
C VAL C 81 4.54 0.41 3.23
N ILE C 82 5.20 -0.42 2.43
CA ILE C 82 6.66 -0.47 2.36
C ILE C 82 7.10 -0.28 0.93
N LEU C 83 7.99 0.68 0.71
CA LEU C 83 8.50 0.96 -0.62
C LEU C 83 9.94 0.48 -0.74
N THR C 84 10.26 -0.10 -1.90
CA THR C 84 11.54 -0.72 -2.21
C THR C 84 12.14 -1.48 -1.03
N ASN C 85 11.30 -2.18 -0.28
CA ASN C 85 11.74 -3.10 0.77
C ASN C 85 12.54 -2.39 1.87
N GLU C 86 12.31 -1.09 2.07
CA GLU C 86 13.13 -0.33 3.01
C GLU C 86 12.35 0.77 3.72
N LEU C 87 11.64 1.60 2.96
CA LEU C 87 10.98 2.78 3.49
C LEU C 87 9.57 2.43 3.97
N ASN C 88 9.30 2.70 5.23
CA ASN C 88 8.08 2.25 5.89
C ASN C 88 7.20 3.44 6.26
N PHE C 89 5.90 3.31 5.95
CA PHE C 89 4.87 4.23 6.39
C PHE C 89 3.80 3.46 7.13
N ALA C 90 3.40 3.94 8.30
CA ALA C 90 2.19 3.47 8.96
C ALA C 90 1.20 4.63 9.00
N LEU C 91 0.02 4.40 8.44
CA LEU C 91 -0.94 5.45 8.15
C LEU C 91 -2.21 5.24 8.98
N VAL C 92 -2.75 6.33 9.53
CA VAL C 92 -3.98 6.28 10.30
C VAL C 92 -4.92 7.38 9.80
N GLY C 93 -6.19 7.02 9.56
CA GLY C 93 -7.24 8.00 9.39
C GLY C 93 -8.23 7.84 10.53
N SER C 94 -9.04 8.86 10.79
CA SER C 94 -9.98 8.79 11.89
C SER C 94 -11.23 9.60 11.55
N GLU C 95 -12.36 9.18 12.12
CA GLU C 95 -13.63 9.81 11.88
C GLU C 95 -14.26 10.14 13.22
N ASP C 96 -14.57 11.42 13.44
CA ASP C 96 -15.17 11.89 14.68
C ASP C 96 -16.65 12.21 14.55
N GLY C 97 -17.20 12.10 13.35
CA GLY C 97 -18.59 12.50 13.13
C GLY C 97 -19.38 11.57 12.24
N THR C 98 -20.13 12.14 11.32
CA THR C 98 -21.07 11.38 10.50
C THR C 98 -20.78 11.44 9.01
N ASP C 99 -19.91 12.35 8.56
CA ASP C 99 -19.68 12.49 7.13
C ASP C 99 -18.72 11.45 6.57
N ASN C 100 -17.99 10.73 7.44
CA ASN C 100 -17.17 9.60 7.01
C ASN C 100 -16.07 10.01 6.04
N ASP C 101 -15.46 11.17 6.27
CA ASP C 101 -14.30 11.49 5.44
C ASP C 101 -13.00 10.95 6.02
N TYR C 102 -13.01 10.50 7.28
CA TYR C 102 -11.87 9.79 7.89
C TYR C 102 -10.57 10.56 7.74
N ASN C 103 -10.66 11.89 7.68
CA ASN C 103 -9.50 12.77 7.66
C ASN C 103 -9.44 13.68 8.90
N ASP C 104 -10.31 13.45 9.89
CA ASP C 104 -10.46 14.40 10.97
C ASP C 104 -9.16 14.51 11.78
N ALA C 105 -8.54 13.39 12.10
CA ALA C 105 -7.13 13.33 12.43
C ALA C 105 -6.48 12.34 11.48
N VAL C 106 -5.44 12.78 10.79
CA VAL C 106 -4.61 11.94 9.92
C VAL C 106 -3.24 11.84 10.57
N VAL C 107 -2.75 10.61 10.75
CA VAL C 107 -1.47 10.37 11.41
C VAL C 107 -0.57 9.57 10.46
N VAL C 108 0.65 10.05 10.26
CA VAL C 108 1.65 9.37 9.45
C VAL C 108 2.85 9.05 10.33
N ILE C 109 3.24 7.78 10.34
CA ILE C 109 4.42 7.29 11.03
C ILE C 109 5.38 6.77 9.97
N ASN C 110 6.64 7.23 10.02
CA ASN C 110 7.62 6.82 9.01
C ASN C 110 8.95 6.42 9.66
N TRP C 111 9.58 5.43 9.06
CA TRP C 111 10.91 4.96 9.45
C TRP C 111 11.53 4.23 8.25
N PRO C 112 12.86 4.09 8.21
CA PRO C 112 13.84 4.58 9.18
C PRO C 112 14.10 6.07 9.03
N LEU C 113 14.73 6.64 10.04
CA LEU C 113 15.15 8.03 10.06
C LEU C 113 16.65 8.10 9.86
N GLY C 114 17.14 9.34 9.74
CA GLY C 114 18.57 9.60 9.72
C GLY C 114 19.21 9.57 8.35
N ALA D 1 15.22 2.71 -8.22
CA ALA D 1 15.30 1.82 -7.07
C ALA D 1 15.03 0.37 -7.43
N THR D 2 15.55 -0.55 -6.61
CA THR D 2 15.26 -1.97 -6.81
C THR D 2 13.77 -2.25 -6.58
N GLN D 3 13.19 -3.09 -7.43
CA GLN D 3 11.80 -3.49 -7.29
C GLN D 3 11.71 -5.00 -7.41
N GLY D 4 10.67 -5.56 -6.79
CA GLY D 4 10.44 -6.99 -6.86
C GLY D 4 11.16 -7.80 -5.81
N VAL D 5 11.82 -7.15 -4.86
CA VAL D 5 12.56 -7.80 -3.80
C VAL D 5 11.86 -7.51 -2.48
N PHE D 6 11.56 -8.55 -1.72
CA PHE D 6 10.86 -8.43 -0.46
C PHE D 6 11.56 -9.26 0.59
N THR D 7 11.66 -8.71 1.80
CA THR D 7 12.18 -9.45 2.95
C THR D 7 10.98 -9.99 3.72
N LEU D 8 10.74 -11.26 3.59
CA LEU D 8 9.68 -11.89 4.36
C LEU D 8 10.22 -12.32 5.71
N PRO D 9 9.36 -12.59 6.68
CA PRO D 9 9.82 -13.34 7.86
C PRO D 9 10.41 -14.66 7.39
N ALA D 10 11.52 -15.05 8.02
CA ALA D 10 12.23 -16.22 7.58
C ALA D 10 11.41 -17.49 7.80
N ASN D 11 11.79 -18.54 7.08
CA ASN D 11 11.22 -19.89 7.24
C ASN D 11 9.70 -19.86 7.33
N THR D 12 9.09 -19.07 6.45
CA THR D 12 7.66 -18.82 6.47
C THR D 12 7.08 -19.21 5.12
N ARG D 13 5.96 -19.92 5.15
CA ARG D 13 5.29 -20.29 3.91
C ARG D 13 4.47 -19.12 3.40
N PHE D 14 4.55 -18.89 2.09
CA PHE D 14 3.81 -17.80 1.46
C PHE D 14 3.24 -18.27 0.13
N GLY D 15 2.18 -17.60 -0.30
CA GLY D 15 1.58 -17.86 -1.60
C GLY D 15 2.15 -16.91 -2.63
N VAL D 16 2.43 -17.43 -3.82
CA VAL D 16 2.86 -16.61 -4.94
C VAL D 16 2.01 -16.96 -6.15
N THR D 17 1.39 -15.94 -6.75
CA THR D 17 0.44 -16.13 -7.84
C THR D 17 0.67 -15.06 -8.91
N ALA D 18 0.65 -15.46 -10.17
CA ALA D 18 0.91 -14.56 -11.28
C ALA D 18 -0.26 -14.54 -12.26
N PHE D 19 -0.57 -13.34 -12.76
CA PHE D 19 -1.59 -13.13 -13.78
C PHE D 19 -0.93 -12.51 -15.01
N ALA D 20 -1.53 -12.75 -16.17
CA ALA D 20 -0.98 -12.22 -17.43
C ALA D 20 -2.02 -11.36 -18.15
N ASN D 21 -1.55 -10.23 -18.71
CA ASN D 21 -2.38 -9.30 -19.51
C ASN D 21 -1.48 -8.74 -20.61
N SER D 22 -1.24 -9.56 -21.63
CA SER D 22 -0.30 -9.18 -22.68
C SER D 22 -0.34 -10.20 -23.81
N SER D 23 -0.12 -9.71 -25.03
CA SER D 23 0.01 -10.61 -26.16
C SER D 23 1.27 -11.45 -26.08
N GLY D 24 2.27 -11.02 -25.31
CA GLY D 24 3.50 -11.78 -25.16
C GLY D 24 3.42 -12.80 -24.04
N THR D 25 4.09 -13.93 -24.25
CA THR D 25 4.17 -14.96 -23.22
C THR D 25 5.04 -14.50 -22.06
N GLN D 26 4.48 -14.57 -20.85
CA GLN D 26 5.15 -14.08 -19.65
C GLN D 26 5.91 -15.21 -18.96
N THR D 27 7.13 -14.92 -18.53
CA THR D 27 7.90 -15.83 -17.68
C THR D 27 8.17 -15.14 -16.35
N VAL D 28 7.67 -15.71 -15.27
CA VAL D 28 7.80 -15.14 -13.94
C VAL D 28 8.67 -16.09 -13.12
N ASN D 29 9.81 -15.57 -12.63
CA ASN D 29 10.73 -16.32 -11.81
C ASN D 29 10.67 -15.80 -10.38
N VAL D 30 10.58 -16.72 -9.43
CA VAL D 30 10.52 -16.40 -8.01
C VAL D 30 11.76 -16.99 -7.37
N LEU D 31 12.67 -16.12 -6.92
CA LEU D 31 13.91 -16.52 -6.26
C LEU D 31 13.72 -16.47 -4.76
N VAL D 32 14.26 -17.49 -4.08
CA VAL D 32 14.32 -17.54 -2.62
C VAL D 32 15.78 -17.76 -2.27
N ASN D 33 16.34 -16.87 -1.44
CA ASN D 33 17.75 -16.96 -1.07
C ASN D 33 18.65 -16.90 -2.31
N ASN D 34 18.25 -16.07 -3.27
CA ASN D 34 18.99 -15.82 -4.51
C ASN D 34 19.04 -17.04 -5.42
N GLU D 35 18.14 -18.00 -5.23
CA GLU D 35 18.04 -19.17 -6.08
C GLU D 35 16.60 -19.34 -6.52
N THR D 36 16.41 -19.79 -7.75
CA THR D 36 15.07 -19.96 -8.29
C THR D 36 14.32 -21.01 -7.49
N ALA D 37 13.13 -20.65 -7.01
CA ALA D 37 12.27 -21.58 -6.30
C ALA D 37 11.04 -21.97 -7.11
N ALA D 38 10.57 -21.09 -7.99
CA ALA D 38 9.47 -21.42 -8.89
C ALA D 38 9.58 -20.57 -10.14
N THR D 39 9.10 -21.12 -11.24
CA THR D 39 9.02 -20.43 -12.51
C THR D 39 7.61 -20.64 -13.05
N PHE D 40 6.92 -19.56 -13.38
CA PHE D 40 5.61 -19.62 -14.00
C PHE D 40 5.70 -19.16 -15.45
N SER D 41 4.85 -19.71 -16.30
CA SER D 41 4.81 -19.26 -17.68
C SER D 41 3.39 -19.36 -18.20
N GLY D 42 3.02 -18.43 -19.09
CA GLY D 42 1.75 -18.47 -19.77
C GLY D 42 1.45 -17.18 -20.52
N GLN D 43 0.47 -17.24 -21.41
CA GLN D 43 0.04 -16.06 -22.16
C GLN D 43 -1.46 -15.86 -21.98
N SER D 44 -1.85 -14.60 -21.79
CA SER D 44 -3.26 -14.24 -21.67
C SER D 44 -3.39 -12.72 -21.80
N THR D 45 -4.46 -12.27 -22.43
CA THR D 45 -4.88 -10.87 -22.34
C THR D 45 -6.12 -10.72 -21.46
N ASN D 46 -6.48 -11.76 -20.69
CA ASN D 46 -7.69 -11.73 -19.88
C ASN D 46 -7.42 -12.06 -18.42
N ASN D 47 -6.24 -11.71 -17.92
CA ASN D 47 -5.92 -11.83 -16.50
C ASN D 47 -5.89 -13.28 -16.03
N ALA D 48 -5.56 -14.21 -16.92
CA ALA D 48 -5.51 -15.60 -16.52
C ALA D 48 -4.40 -15.82 -15.49
N VAL D 49 -4.66 -16.71 -14.53
CA VAL D 49 -3.66 -17.16 -13.58
C VAL D 49 -2.68 -18.06 -14.34
N ILE D 50 -1.44 -17.59 -14.50
CA ILE D 50 -0.44 -18.38 -15.20
C ILE D 50 0.42 -19.21 -14.25
N GLY D 51 0.25 -19.02 -12.95
CA GLY D 51 0.96 -19.80 -11.98
C GLY D 51 0.53 -19.44 -10.57
N THR D 52 0.46 -20.43 -9.70
CA THR D 52 0.21 -20.19 -8.29
C THR D 52 0.91 -21.32 -7.53
N GLN D 53 1.52 -20.98 -6.40
CA GLN D 53 2.36 -21.94 -5.70
C GLN D 53 2.61 -21.44 -4.29
N VAL D 54 2.83 -22.38 -3.37
CA VAL D 54 3.26 -22.06 -2.02
C VAL D 54 4.75 -22.38 -1.91
N LEU D 55 5.51 -21.45 -1.34
CA LEU D 55 6.94 -21.62 -1.17
C LEU D 55 7.30 -21.28 0.28
N ASN D 56 8.54 -21.56 0.64
CA ASN D 56 9.07 -21.21 1.95
C ASN D 56 10.08 -20.10 1.79
N SER D 57 9.99 -19.08 2.64
CA SER D 57 10.89 -17.93 2.53
C SER D 57 12.33 -18.25 2.91
N GLY D 58 12.58 -19.40 3.54
CA GLY D 58 13.94 -19.81 3.80
C GLY D 58 14.61 -19.02 4.94
N SER D 59 15.89 -19.32 5.13
CA SER D 59 16.63 -18.78 6.27
C SER D 59 16.82 -17.28 6.15
N SER D 60 17.00 -16.76 4.94
CA SER D 60 17.21 -15.32 4.78
C SER D 60 15.89 -14.55 4.71
N GLY D 61 14.83 -15.19 4.22
CA GLY D 61 13.57 -14.52 3.96
C GLY D 61 13.54 -13.69 2.69
N LYS D 62 14.64 -13.62 1.95
CA LYS D 62 14.71 -12.76 0.78
C LYS D 62 13.97 -13.42 -0.38
N VAL D 63 12.98 -12.74 -0.93
CA VAL D 63 12.18 -13.23 -2.06
C VAL D 63 12.28 -12.20 -3.17
N GLN D 64 12.62 -12.65 -4.37
CA GLN D 64 12.75 -11.76 -5.51
C GLN D 64 11.92 -12.26 -6.67
N VAL D 65 11.16 -11.36 -7.27
CA VAL D 65 10.34 -11.65 -8.43
C VAL D 65 11.03 -11.06 -9.65
N GLN D 66 11.22 -11.87 -10.69
CA GLN D 66 11.78 -11.42 -11.95
C GLN D 66 10.81 -11.80 -13.06
N VAL D 67 10.59 -10.89 -14.00
CA VAL D 67 9.66 -11.09 -15.10
C VAL D 67 10.38 -10.85 -16.41
N SER D 68 10.16 -11.73 -17.38
CA SER D 68 10.67 -11.53 -18.72
C SER D 68 9.69 -12.10 -19.75
N VAL D 69 9.88 -11.67 -20.99
CA VAL D 69 9.03 -12.03 -22.11
C VAL D 69 9.96 -12.39 -23.26
N ASN D 70 9.99 -13.67 -23.64
CA ASN D 70 10.92 -14.16 -24.66
C ASN D 70 12.37 -13.81 -24.29
N GLY D 71 12.68 -13.81 -23.00
CA GLY D 71 14.01 -13.51 -22.53
C GLY D 71 14.30 -12.05 -22.24
N ARG D 72 13.40 -11.14 -22.64
CA ARG D 72 13.62 -9.72 -22.39
C ARG D 72 13.09 -9.36 -21.00
N PRO D 73 13.92 -8.91 -20.07
CA PRO D 73 13.40 -8.54 -18.74
C PRO D 73 12.41 -7.38 -18.84
N SER D 74 11.32 -7.50 -18.10
CA SER D 74 10.32 -6.45 -18.01
C SER D 74 10.70 -5.42 -16.93
N ASP D 75 10.25 -4.19 -17.12
CA ASP D 75 10.37 -3.19 -16.08
C ASP D 75 9.37 -3.49 -14.98
N LEU D 76 9.82 -3.40 -13.73
CA LEU D 76 9.01 -3.82 -12.59
C LEU D 76 8.63 -2.63 -11.71
N VAL D 77 7.46 -2.72 -11.09
CA VAL D 77 7.03 -1.84 -10.00
C VAL D 77 6.54 -2.75 -8.87
N SER D 78 6.72 -2.30 -7.62
CA SER D 78 6.37 -3.17 -6.51
C SER D 78 6.16 -2.38 -5.24
N ALA D 79 5.49 -3.03 -4.28
CA ALA D 79 5.32 -2.47 -2.93
C ALA D 79 4.74 -3.56 -2.04
N GLN D 80 4.91 -3.37 -0.73
CA GLN D 80 4.35 -4.27 0.26
C GLN D 80 3.30 -3.54 1.08
N VAL D 81 2.20 -4.22 1.36
CA VAL D 81 1.10 -3.64 2.13
C VAL D 81 0.70 -4.60 3.23
N ILE D 82 0.45 -4.06 4.42
CA ILE D 82 0.12 -4.85 5.59
C ILE D 82 -1.21 -4.36 6.15
N LEU D 83 -2.13 -5.29 6.37
CA LEU D 83 -3.44 -4.95 6.89
C LEU D 83 -3.60 -5.49 8.30
N THR D 84 -4.24 -4.69 9.15
CA THR D 84 -4.43 -4.94 10.58
C THR D 84 -3.18 -5.55 11.21
N ASN D 85 -2.00 -5.08 10.79
CA ASN D 85 -0.72 -5.43 11.41
C ASN D 85 -0.43 -6.94 11.32
N GLU D 86 -1.01 -7.63 10.33
CA GLU D 86 -0.92 -9.08 10.31
C GLU D 86 -0.87 -9.66 8.89
N LEU D 87 -1.78 -9.21 8.04
CA LEU D 87 -1.95 -9.76 6.71
C LEU D 87 -1.08 -9.01 5.72
N ASN D 88 -0.17 -9.73 5.06
CA ASN D 88 0.81 -9.11 4.18
C ASN D 88 0.53 -9.42 2.72
N PHE D 89 0.77 -8.44 1.85
CA PHE D 89 0.76 -8.59 0.41
C PHE D 89 2.03 -7.97 -0.15
N ALA D 90 2.76 -8.72 -0.97
CA ALA D 90 3.84 -8.18 -1.78
C ALA D 90 3.37 -8.18 -3.23
N LEU D 91 3.39 -7.03 -3.87
CA LEU D 91 2.73 -6.84 -5.15
C LEU D 91 3.74 -6.38 -6.18
N VAL D 92 3.66 -6.96 -7.38
CA VAL D 92 4.55 -6.63 -8.48
C VAL D 92 3.72 -6.39 -9.74
N GLY D 93 4.01 -5.29 -10.44
CA GLY D 93 3.55 -5.12 -11.79
C GLY D 93 4.72 -5.12 -12.75
N SER D 94 4.49 -5.37 -14.03
CA SER D 94 5.58 -5.44 -14.98
C SER D 94 5.13 -4.89 -16.32
N GLU D 95 6.07 -4.34 -17.07
CA GLU D 95 5.78 -3.76 -18.37
C GLU D 95 6.77 -4.35 -19.38
N ASP D 96 6.24 -4.98 -20.43
CA ASP D 96 7.06 -5.62 -21.44
C ASP D 96 7.13 -4.84 -22.73
N GLY D 97 6.51 -3.68 -22.80
CA GLY D 97 6.35 -2.96 -24.05
C GLY D 97 6.39 -1.47 -23.85
N THR D 98 5.55 -0.76 -24.60
CA THR D 98 5.59 0.69 -24.70
C THR D 98 4.33 1.39 -24.20
N ASP D 99 3.24 0.66 -23.93
CA ASP D 99 1.99 1.31 -23.56
C ASP D 99 1.89 1.59 -22.07
N ASN D 100 2.77 0.98 -21.26
CA ASN D 100 2.94 1.35 -19.86
C ASN D 100 1.66 1.13 -19.05
N ASP D 101 1.00 -0.02 -19.25
CA ASP D 101 -0.07 -0.39 -18.34
C ASP D 101 0.42 -1.23 -17.16
N TYR D 102 1.66 -1.74 -17.23
CA TYR D 102 2.32 -2.37 -16.07
C TYR D 102 1.49 -3.50 -15.48
N ASN D 103 0.66 -4.14 -16.31
CA ASN D 103 -0.14 -5.30 -15.92
C ASN D 103 0.22 -6.56 -16.72
N ASP D 104 1.29 -6.52 -17.51
CA ASP D 104 1.57 -7.60 -18.45
C ASP D 104 1.84 -8.92 -17.72
N ALA D 105 2.61 -8.86 -16.64
CA ALA D 105 2.58 -9.88 -15.60
C ALA D 105 2.33 -9.16 -14.29
N VAL D 106 1.30 -9.59 -13.57
CA VAL D 106 0.99 -9.13 -12.23
C VAL D 106 1.23 -10.29 -11.27
N VAL D 107 1.99 -10.03 -10.21
CA VAL D 107 2.42 -11.04 -9.25
C VAL D 107 1.98 -10.60 -7.85
N VAL D 108 1.27 -11.48 -7.16
CA VAL D 108 0.81 -11.23 -5.80
C VAL D 108 1.42 -12.30 -4.88
N ILE D 109 2.10 -11.84 -3.83
CA ILE D 109 2.64 -12.69 -2.77
C ILE D 109 1.86 -12.41 -1.51
N ASN D 110 1.39 -13.46 -0.83
CA ASN D 110 0.61 -13.22 0.37
C ASN D 110 1.03 -14.16 1.49
N TRP D 111 0.93 -13.67 2.72
CA TRP D 111 1.24 -14.45 3.92
C TRP D 111 0.66 -13.70 5.12
N PRO D 112 0.44 -14.41 6.25
CA PRO D 112 0.62 -15.85 6.46
C PRO D 112 -0.38 -16.71 5.72
N LEU D 113 -0.11 -18.00 5.69
CA LEU D 113 -1.03 -18.98 5.13
C LEU D 113 -1.57 -19.85 6.26
N GLY D 114 -2.50 -20.74 5.91
CA GLY D 114 -2.95 -21.77 6.82
C GLY D 114 -4.16 -21.37 7.64
N LEU E 4 -8.39 -7.62 -35.33
CA LEU E 4 -7.19 -7.46 -36.14
C LEU E 4 -6.01 -7.08 -35.26
N LEU E 5 -6.30 -6.38 -34.18
CA LEU E 5 -5.28 -5.99 -33.22
C LEU E 5 -4.70 -7.20 -32.53
N CYS E 7 -4.94 -10.36 -33.25
CA CYS E 7 -4.37 -11.36 -34.14
C CYS E 7 -2.93 -11.04 -34.50
N LEU E 8 -2.67 -9.79 -34.86
CA LEU E 8 -1.30 -9.36 -35.15
C LEU E 8 -0.39 -9.57 -33.94
N CYS E 10 -0.82 -11.45 -31.31
CA CYS E 10 -0.75 -12.89 -31.08
C CYS E 10 0.18 -13.60 -32.06
N LEU E 11 0.11 -13.19 -33.33
CA LEU E 11 0.97 -13.79 -34.35
C LEU E 11 2.43 -13.42 -34.12
N LEU E 12 2.72 -12.12 -33.97
CA LEU E 12 4.12 -11.68 -33.94
C LEU E 12 4.82 -12.07 -32.64
N LYS E 13 4.07 -12.21 -31.55
CA LYS E 13 4.68 -12.51 -30.26
C LYS E 13 4.53 -13.99 -29.88
N ALA F 1 10.13 2.49 -14.14
CA ALA F 1 8.82 3.15 -14.19
C ALA F 1 8.84 4.53 -13.55
N THR F 2 8.00 5.40 -14.09
CA THR F 2 7.84 6.74 -13.55
C THR F 2 7.35 6.69 -12.11
N GLN F 3 7.99 7.50 -11.26
CA GLN F 3 7.64 7.60 -9.85
C GLN F 3 7.43 9.07 -9.47
N GLY F 4 6.63 9.31 -8.44
CA GLY F 4 6.37 10.68 -7.98
C GLY F 4 5.27 11.41 -8.71
N VAL F 5 4.52 10.71 -9.57
CA VAL F 5 3.45 11.33 -10.36
C VAL F 5 2.13 10.68 -9.96
N PHE F 6 1.15 11.50 -9.60
CA PHE F 6 -0.13 11.02 -9.11
C PHE F 6 -1.24 11.78 -9.79
N THR F 7 -2.34 11.08 -10.08
CA THR F 7 -3.53 11.71 -10.66
C THR F 7 -4.53 11.87 -9.54
N LEU F 8 -4.66 13.07 -9.03
CA LEU F 8 -5.66 13.33 -8.02
C LEU F 8 -6.99 13.63 -8.71
N PRO F 9 -8.10 13.54 -7.98
CA PRO F 9 -9.33 14.16 -8.48
C PRO F 9 -9.06 15.62 -8.81
N ALA F 10 -9.57 16.07 -9.94
CA ALA F 10 -9.34 17.44 -10.39
C ALA F 10 -9.88 18.46 -9.39
N ASN F 11 -9.29 19.66 -9.41
CA ASN F 11 -9.82 20.82 -8.71
C ASN F 11 -10.07 20.54 -7.22
N THR F 12 -9.13 19.81 -6.61
CA THR F 12 -9.28 19.29 -5.27
C THR F 12 -8.13 19.82 -4.41
N ARG F 13 -8.47 20.27 -3.20
CA ARG F 13 -7.46 20.67 -2.25
C ARG F 13 -6.79 19.45 -1.65
N PHE F 14 -5.46 19.49 -1.55
CA PHE F 14 -4.69 18.41 -0.96
C PHE F 14 -3.56 19.01 -0.14
N GLY F 15 -3.03 18.22 0.78
CA GLY F 15 -1.89 18.62 1.59
C GLY F 15 -0.64 17.94 1.09
N VAL F 16 0.48 18.66 1.10
CA VAL F 16 1.77 18.08 0.79
C VAL F 16 2.74 18.48 1.89
N THR F 17 3.46 17.49 2.42
CA THR F 17 4.37 17.68 3.55
C THR F 17 5.66 16.94 3.26
N ALA F 18 6.79 17.54 3.64
CA ALA F 18 8.08 16.92 3.35
C ALA F 18 8.94 16.84 4.61
N PHE F 19 9.60 15.69 4.79
CA PHE F 19 10.55 15.46 5.87
C PHE F 19 11.93 15.21 5.29
N ALA F 20 12.96 15.55 6.07
CA ALA F 20 14.35 15.37 5.63
C ALA F 20 15.09 14.41 6.56
N ASN F 21 15.89 13.52 5.97
CA ASN F 21 16.73 12.56 6.70
C ASN F 21 18.02 12.37 5.89
N SER F 22 18.85 13.42 5.86
CA SER F 22 20.06 13.38 5.05
C SER F 22 21.00 14.48 5.53
N SER F 23 22.30 14.28 5.29
CA SER F 23 23.25 15.38 5.47
C SER F 23 23.15 16.39 4.35
N GLY F 24 22.64 16.00 3.19
CA GLY F 24 22.44 16.93 2.10
C GLY F 24 21.17 17.74 2.27
N THR F 25 21.23 19.00 1.81
CA THR F 25 20.04 19.85 1.80
C THR F 25 19.08 19.37 0.72
N GLN F 26 17.86 19.05 1.12
CA GLN F 26 16.84 18.55 0.22
C GLN F 26 16.05 19.71 -0.41
N THR F 27 15.72 19.57 -1.69
CA THR F 27 14.87 20.51 -2.41
C THR F 27 13.70 19.72 -3.00
N VAL F 28 12.50 19.93 -2.46
CA VAL F 28 11.31 19.24 -2.92
C VAL F 28 10.47 20.21 -3.73
N ASN F 29 10.24 19.87 -5.00
CA ASN F 29 9.37 20.63 -5.89
C ASN F 29 8.06 19.88 -6.08
N VAL F 30 6.95 20.59 -5.92
CA VAL F 30 5.63 20.03 -6.20
C VAL F 30 5.09 20.73 -7.42
N LEU F 31 4.82 19.94 -8.45
CA LEU F 31 4.27 20.43 -9.71
C LEU F 31 2.80 20.07 -9.81
N VAL F 32 2.00 21.04 -10.24
CA VAL F 32 0.59 20.85 -10.54
C VAL F 32 0.37 21.29 -11.97
N ASN F 33 -0.24 20.43 -12.78
CA ASN F 33 -0.43 20.71 -14.21
C ASN F 33 0.90 21.02 -14.90
N ASN F 34 1.95 20.32 -14.46
CA ASN F 34 3.32 20.41 -15.00
C ASN F 34 4.00 21.75 -14.74
N GLU F 35 3.50 22.57 -13.83
CA GLU F 35 4.16 23.81 -13.45
C GLU F 35 4.41 23.82 -11.94
N THR F 36 5.57 24.30 -11.54
CA THR F 36 5.91 24.33 -10.12
C THR F 36 4.84 25.09 -9.34
N ALA F 37 4.32 24.45 -8.30
CA ALA F 37 3.35 25.08 -7.41
C ALA F 37 3.87 25.27 -5.98
N ALA F 38 4.86 24.49 -5.56
CA ALA F 38 5.46 24.71 -4.25
C ALA F 38 6.86 24.14 -4.27
N THR F 39 7.73 24.76 -3.49
CA THR F 39 9.09 24.28 -3.31
C THR F 39 9.44 24.35 -1.83
N PHE F 40 9.82 23.21 -1.27
CA PHE F 40 10.33 23.13 0.09
C PHE F 40 11.83 22.89 0.03
N SER F 41 12.53 23.31 1.08
CA SER F 41 13.97 23.15 1.14
C SER F 41 14.41 23.09 2.60
N GLY F 42 15.36 22.21 2.90
CA GLY F 42 15.92 22.17 4.23
C GLY F 42 16.80 20.96 4.44
N GLN F 43 17.53 20.98 5.55
CA GLN F 43 18.40 19.88 5.91
C GLN F 43 18.06 19.39 7.31
N SER F 44 18.09 18.07 7.48
CA SER F 44 17.89 17.43 8.78
C SER F 44 18.19 15.95 8.66
N THR F 45 18.76 15.39 9.73
CA THR F 45 18.90 13.95 9.87
C THR F 45 17.99 13.42 10.96
N ASN F 46 16.97 14.19 11.34
CA ASN F 46 16.04 13.78 12.38
C ASN F 46 14.61 14.03 11.96
N ASN F 47 14.32 13.85 10.68
CA ASN F 47 12.95 13.83 10.17
C ASN F 47 12.25 15.19 10.32
N ALA F 48 12.97 16.29 10.24
CA ALA F 48 12.33 17.60 10.37
C ALA F 48 11.42 17.87 9.17
N VAL F 49 10.24 18.42 9.43
CA VAL F 49 9.37 18.93 8.39
C VAL F 49 10.06 20.10 7.72
N ILE F 50 10.47 19.93 6.46
CA ILE F 50 11.03 21.06 5.71
C ILE F 50 9.96 21.82 4.94
N GLY F 51 8.73 21.35 4.94
CA GLY F 51 7.65 22.11 4.32
C GLY F 51 6.31 21.42 4.44
N THR F 52 5.24 22.22 4.48
CA THR F 52 3.89 21.69 4.45
C THR F 52 2.98 22.77 3.87
N GLN F 53 2.09 22.37 2.97
CA GLN F 53 1.32 23.36 2.24
C GLN F 53 0.07 22.70 1.68
N VAL F 54 -1.00 23.48 1.62
CA VAL F 54 -2.25 23.06 0.98
C VAL F 54 -2.26 23.60 -0.44
N LEU F 55 -2.49 22.73 -1.41
CA LEU F 55 -2.53 23.10 -2.82
C LEU F 55 -3.80 22.55 -3.46
N ASN F 56 -4.08 23.06 -4.66
CA ASN F 56 -5.22 22.64 -5.47
C ASN F 56 -4.73 21.83 -6.65
N SER F 57 -5.32 20.64 -6.84
CA SER F 57 -4.92 19.70 -7.87
C SER F 57 -5.16 20.22 -9.29
N GLY F 58 -5.85 21.36 -9.45
CA GLY F 58 -6.04 21.96 -10.76
C GLY F 58 -6.97 21.16 -11.67
N SER F 59 -7.04 21.62 -12.93
CA SER F 59 -7.97 21.05 -13.89
C SER F 59 -7.56 19.66 -14.34
N SER F 60 -6.26 19.37 -14.39
CA SER F 60 -5.79 18.06 -14.83
C SER F 60 -5.76 17.04 -13.70
N GLY F 61 -5.61 17.51 -12.46
CA GLY F 61 -5.37 16.62 -11.34
C GLY F 61 -3.96 16.07 -11.23
N LYS F 62 -3.07 16.40 -12.17
CA LYS F 62 -1.75 15.78 -12.20
C LYS F 62 -0.80 16.48 -11.24
N VAL F 63 -0.35 15.74 -10.24
CA VAL F 63 0.59 16.24 -9.24
C VAL F 63 1.89 15.47 -9.39
N GLN F 64 3.00 16.20 -9.48
CA GLN F 64 4.32 15.59 -9.56
C GLN F 64 5.20 16.10 -8.43
N VAL F 65 5.88 15.16 -7.78
CA VAL F 65 6.91 15.43 -6.77
C VAL F 65 8.27 15.20 -7.41
N GLN F 66 9.16 16.16 -7.26
CA GLN F 66 10.55 16.03 -7.70
C GLN F 66 11.46 16.41 -6.53
N VAL F 67 12.56 15.67 -6.39
CA VAL F 67 13.51 15.89 -5.31
C VAL F 67 14.90 15.98 -5.91
N SER F 68 15.65 17.00 -5.51
CA SER F 68 17.04 17.12 -5.90
C SER F 68 17.86 17.52 -4.67
N VAL F 69 19.16 17.26 -4.75
CA VAL F 69 20.13 17.63 -3.72
C VAL F 69 21.32 18.25 -4.45
N ASN F 70 21.52 19.56 -4.24
CA ASN F 70 22.65 20.28 -4.84
C ASN F 70 22.63 20.18 -6.36
N GLY F 71 21.42 20.23 -6.95
CA GLY F 71 21.27 20.12 -8.38
C GLY F 71 21.09 18.71 -8.91
N ARG F 72 21.36 17.68 -8.12
CA ARG F 72 21.35 16.30 -8.61
C ARG F 72 20.02 15.64 -8.28
N PRO F 73 19.27 15.17 -9.27
CA PRO F 73 17.97 14.53 -8.99
C PRO F 73 18.14 13.26 -8.16
N SER F 74 17.32 13.14 -7.13
CA SER F 74 17.29 11.96 -6.30
C SER F 74 16.48 10.87 -6.97
N ASP F 75 16.85 9.61 -6.69
CA ASP F 75 16.05 8.49 -7.16
C ASP F 75 14.77 8.42 -6.34
N LEU F 76 13.64 8.27 -7.01
CA LEU F 76 12.34 8.32 -6.36
C LEU F 76 11.68 6.95 -6.33
N VAL F 77 10.90 6.70 -5.28
CA VAL F 77 9.97 5.59 -5.18
C VAL F 77 8.66 6.15 -4.65
N SER F 78 7.54 5.57 -5.08
CA SER F 78 6.26 6.15 -4.70
C SER F 78 5.14 5.12 -4.81
N ALA F 79 4.06 5.41 -4.08
CA ALA F 79 2.82 4.65 -4.26
C ALA F 79 1.67 5.51 -3.72
N GLN F 80 0.46 5.07 -4.05
CA GLN F 80 -0.75 5.67 -3.54
C GLN F 80 -1.54 4.61 -2.81
N VAL F 81 -2.15 5.00 -1.70
CA VAL F 81 -2.92 4.07 -0.87
C VAL F 81 -4.23 4.74 -0.49
N ILE F 82 -5.30 3.95 -0.51
CA ILE F 82 -6.64 4.44 -0.17
C ILE F 82 -7.19 3.61 0.97
N LEU F 83 -7.66 4.29 2.00
CA LEU F 83 -8.24 3.64 3.17
C LEU F 83 -9.75 3.88 3.20
N THR F 84 -10.48 2.81 3.49
CA THR F 84 -11.94 2.76 3.50
C THR F 84 -12.53 3.52 2.30
N ASN F 85 -11.88 3.37 1.14
CA ASN F 85 -12.41 3.84 -0.15
C ASN F 85 -12.66 5.34 -0.14
N GLU F 86 -11.86 6.09 0.63
CA GLU F 86 -12.11 7.52 0.79
C GLU F 86 -10.83 8.29 1.08
N LEU F 87 -10.03 7.82 2.04
CA LEU F 87 -8.87 8.58 2.51
C LEU F 87 -7.64 8.21 1.70
N ASN F 88 -7.01 9.21 1.08
CA ASN F 88 -5.95 8.98 0.11
C ASN F 88 -4.59 9.46 0.64
N PHE F 89 -3.58 8.64 0.39
CA PHE F 89 -2.18 9.01 0.59
C PHE F 89 -1.41 8.76 -0.70
N ALA F 90 -0.65 9.78 -1.13
CA ALA F 90 0.38 9.63 -2.14
C ALA F 90 1.73 9.74 -1.43
N LEU F 91 2.56 8.71 -1.54
CA LEU F 91 3.77 8.59 -0.75
C LEU F 91 4.98 8.61 -1.66
N VAL F 92 6.03 9.32 -1.24
CA VAL F 92 7.26 9.43 -2.02
C VAL F 92 8.45 9.27 -1.07
N GLY F 93 9.40 8.43 -1.47
CA GLY F 93 10.70 8.41 -0.84
C GLY F 93 11.79 8.74 -1.84
N SER F 94 12.94 9.18 -1.38
CA SER F 94 13.99 9.55 -2.32
C SER F 94 15.35 9.20 -1.73
N GLU F 95 16.30 8.94 -2.63
CA GLU F 95 17.64 8.53 -2.26
C GLU F 95 18.62 9.46 -2.95
N ASP F 96 19.41 10.19 -2.17
CA ASP F 96 20.37 11.13 -2.71
C ASP F 96 21.78 10.54 -2.77
N GLY F 97 21.97 9.31 -2.30
CA GLY F 97 23.30 8.76 -2.16
C GLY F 97 23.39 7.28 -2.47
N THR F 98 24.10 6.52 -1.62
CA THR F 98 24.39 5.11 -1.87
C THR F 98 23.92 4.16 -0.78
N ASP F 99 23.54 4.66 0.40
CA ASP F 99 23.12 3.74 1.44
C ASP F 99 21.73 3.17 1.21
N ASN F 100 20.95 3.78 0.31
CA ASN F 100 19.66 3.26 -0.12
C ASN F 100 18.67 3.11 1.03
N ASP F 101 18.65 4.08 1.94
CA ASP F 101 17.58 4.11 2.92
C ASP F 101 16.33 4.82 2.39
N TYR F 102 16.45 5.56 1.28
CA TYR F 102 15.31 6.13 0.55
C TYR F 102 14.42 6.99 1.44
N ASN F 103 15.02 7.59 2.49
CA ASN F 103 14.31 8.51 3.36
C ASN F 103 14.86 9.93 3.29
N ASP F 104 15.79 10.19 2.36
CA ASP F 104 16.55 11.42 2.40
C ASP F 104 15.63 12.63 2.30
N ALA F 105 14.63 12.53 1.43
CA ALA F 105 13.43 13.35 1.52
C ALA F 105 12.22 12.43 1.41
N VAL F 106 11.30 12.55 2.34
CA VAL F 106 10.05 11.81 2.37
C VAL F 106 8.91 12.80 2.20
N VAL F 107 7.99 12.51 1.27
CA VAL F 107 6.91 13.43 0.91
C VAL F 107 5.59 12.70 1.09
N VAL F 108 4.67 13.31 1.83
CA VAL F 108 3.35 12.74 2.09
C VAL F 108 2.30 13.70 1.53
N ILE F 109 1.46 13.19 0.63
CA ILE F 109 0.34 13.95 0.07
C ILE F 109 -0.93 13.26 0.54
N ASN F 110 -1.85 14.04 1.11
CA ASN F 110 -3.09 13.47 1.60
C ASN F 110 -4.28 14.30 1.13
N TRP F 111 -5.40 13.61 0.92
CA TRP F 111 -6.67 14.24 0.60
C TRP F 111 -7.78 13.25 0.90
N PRO F 112 -9.03 13.71 1.10
CA PRO F 112 -9.47 15.11 1.07
C PRO F 112 -9.11 15.85 2.34
N LEU F 113 -9.33 17.15 2.29
CA LEU F 113 -9.12 18.05 3.42
C LEU F 113 -10.46 18.55 3.92
N GLY F 114 -10.42 19.28 5.03
CA GLY F 114 -11.60 19.96 5.55
C GLY F 114 -12.43 19.15 6.51
N LEU G 4 33.01 12.23 14.36
CA LEU G 4 33.85 12.44 13.19
C LEU G 4 33.03 12.45 11.91
N LEU G 5 32.29 11.36 11.68
CA LEU G 5 31.49 11.19 10.47
C LEU G 5 30.45 12.29 10.28
N CYS G 7 30.56 15.27 11.35
CA CYS G 7 31.24 16.52 11.01
C CYS G 7 31.59 16.53 9.54
N LEU G 8 32.22 15.46 9.07
CA LEU G 8 32.57 15.33 7.66
C LEU G 8 31.33 15.53 6.82
N CYS G 10 28.29 17.04 7.52
CA CYS G 10 27.90 18.43 7.54
C CYS G 10 28.91 19.31 6.81
N LEU G 11 30.19 19.01 6.97
CA LEU G 11 31.22 19.82 6.33
C LEU G 11 31.14 19.71 4.81
N LEU G 12 31.15 18.48 4.30
CA LEU G 12 31.26 18.29 2.85
C LEU G 12 29.97 18.62 2.11
N LYS G 13 28.81 18.45 2.74
CA LYS G 13 27.53 18.71 2.07
C LYS G 13 26.84 19.99 2.57
#